data_1CII
#
_entry.id   1CII
#
_cell.length_a   64.400
_cell.length_b   178.600
_cell.length_c   285.500
_cell.angle_alpha   90.00
_cell.angle_beta   90.00
_cell.angle_gamma   90.00
#
_symmetry.space_group_name_H-M   'C 2 2 21'
#
_entity_poly.entity_id   1
_entity_poly.type   'polypeptide(L)'
_entity_poly.pdbx_seq_one_letter_code
;EIMAVDIYVNPPRVDVFHGTPPAWSSFGNKTIWGGNEWVDDSPTRSDIEKRDKEITAYKNTLSAQQKENENKRTEAGKRL
SAAIAAREKDENTLKTLRAGNADAADITRQEFRLLQAELREYGFRTEIAGYDALRLHTESRMLFADADSLRISPREARSL
IEQAEKRQKDAQNADKKAADMLAEYERRKGILDTRLSELEKNGGAALAVLDAQQARLLGQQTRNDRAISEARNKLSSVTE
SLNTARNALTRAEQQLTQQKNTPDGKTIVSPEKFPGRSSTNDSIVVSGDPRFAGTIKITTSAVIDNRANLNYLLSHSGLD
YKRNILNDRNPVVTEDVEGDKKIYNAEVAEWDKLRQRLLDARNKITSAESAVNSARNNLSARTNEQKHANDALNALLKEK
ENIRNQLSGINQKIAEEKRKQDELKATKDAINFTTEFLKSVSEKYGAKAEQLAREMAGQAKGKKIRNVEEALKTYEKYRA
DINKKINAKDRAAIAAALESVKLSDISSNLNRFSRGLGYAGKFTSLADWITEFGKAVRTENWRPLFVKTETIIAGNAATA
LVALVFSILTGSALGIIGYGLLMAVTGALIDESLVEKANKFW
;
_entity_poly.pdbx_strand_id   A
#
# COMPACT_ATOMS: atom_id res chain seq x y z
N GLU A 1 0.19 -10.99 3.14
CA GLU A 1 -0.17 -12.23 2.43
C GLU A 1 -1.70 -12.41 2.40
N ILE A 2 -2.32 -12.40 3.58
CA ILE A 2 -3.78 -12.54 3.69
C ILE A 2 -4.31 -13.95 3.49
N MET A 3 -3.58 -14.82 2.79
CA MET A 3 -4.06 -16.19 2.65
C MET A 3 -3.20 -17.12 3.51
N ALA A 4 -3.61 -18.37 3.64
CA ALA A 4 -2.86 -19.31 4.46
C ALA A 4 -2.01 -20.21 3.61
N VAL A 5 -2.63 -20.69 2.53
CA VAL A 5 -2.03 -21.60 1.54
C VAL A 5 -1.60 -22.95 2.06
N ASP A 6 -1.37 -23.05 3.38
CA ASP A 6 -0.96 -24.32 3.94
C ASP A 6 -2.23 -25.15 3.85
N ILE A 7 -3.36 -24.50 4.05
CA ILE A 7 -4.61 -25.23 3.91
C ILE A 7 -4.76 -25.38 2.39
N TYR A 8 -5.82 -26.05 1.93
CA TYR A 8 -6.05 -26.26 0.50
C TYR A 8 -5.05 -27.28 -0.06
N VAL A 9 -3.84 -27.30 0.47
CA VAL A 9 -2.84 -28.27 0.10
C VAL A 9 -2.80 -29.08 1.41
N ASN A 10 -2.73 -30.42 1.31
CA ASN A 10 -2.69 -31.25 2.54
C ASN A 10 -3.72 -30.97 3.66
N PRO A 11 -5.02 -31.14 3.38
CA PRO A 11 -6.06 -30.91 4.40
C PRO A 11 -6.03 -32.18 5.24
N PRO A 12 -6.56 -32.14 6.47
CA PRO A 12 -6.54 -33.35 7.29
C PRO A 12 -7.01 -34.55 6.48
N ARG A 13 -6.45 -35.71 6.80
CA ARG A 13 -6.77 -36.92 6.09
C ARG A 13 -7.55 -37.93 6.92
N VAL A 14 -6.97 -38.43 8.00
CA VAL A 14 -7.65 -39.43 8.85
C VAL A 14 -7.81 -40.80 8.17
N ASP A 15 -6.77 -41.66 8.21
CA ASP A 15 -6.89 -42.98 7.59
C ASP A 15 -7.26 -44.00 8.68
N VAL A 16 -8.30 -44.83 8.43
CA VAL A 16 -8.75 -45.85 9.41
C VAL A 16 -7.87 -47.10 9.52
N PHE A 17 -7.89 -47.70 10.70
CA PHE A 17 -7.09 -48.88 11.06
C PHE A 17 -7.26 -50.14 10.19
N HIS A 18 -6.19 -50.55 9.49
CA HIS A 18 -6.21 -51.78 8.66
C HIS A 18 -5.94 -52.90 9.64
N GLY A 19 -6.90 -53.80 9.79
CA GLY A 19 -6.75 -54.86 10.77
C GLY A 19 -6.26 -56.24 10.35
N THR A 20 -7.25 -57.13 10.17
CA THR A 20 -7.07 -58.54 9.80
C THR A 20 -7.00 -59.35 11.07
N PRO A 21 -8.16 -59.74 11.57
CA PRO A 21 -8.28 -60.55 12.78
C PRO A 21 -7.37 -61.74 12.56
N PRO A 22 -6.81 -62.27 13.63
CA PRO A 22 -5.92 -63.43 13.51
C PRO A 22 -6.76 -64.69 13.37
N ALA A 23 -6.28 -65.63 12.55
CA ALA A 23 -6.97 -66.91 12.38
C ALA A 23 -5.95 -67.94 12.88
N TRP A 24 -5.89 -68.09 14.20
CA TRP A 24 -4.93 -68.97 14.86
C TRP A 24 -4.69 -70.33 14.21
N SER A 25 -3.42 -70.70 14.08
CA SER A 25 -3.08 -71.98 13.48
C SER A 25 -3.07 -73.07 14.53
N SER A 26 -2.86 -72.69 15.78
CA SER A 26 -2.88 -73.66 16.86
C SER A 26 -4.30 -74.07 17.11
N PHE A 27 -4.46 -75.26 17.69
CA PHE A 27 -5.75 -75.81 18.08
C PHE A 27 -6.94 -75.35 17.26
N GLY A 28 -6.80 -75.46 15.96
CA GLY A 28 -7.87 -75.08 15.05
C GLY A 28 -8.52 -73.72 15.20
N ASN A 29 -7.78 -72.73 15.70
CA ASN A 29 -8.33 -71.39 15.88
C ASN A 29 -9.67 -71.53 16.60
N LYS A 30 -9.67 -72.24 17.74
CA LYS A 30 -10.91 -72.49 18.47
C LYS A 30 -11.35 -71.63 19.67
N THR A 31 -10.41 -71.14 20.48
CA THR A 31 -10.73 -70.33 21.68
C THR A 31 -11.59 -71.07 22.68
N ILE A 32 -11.22 -70.95 23.94
CA ILE A 32 -11.98 -71.60 24.98
C ILE A 32 -13.36 -70.94 25.18
N TRP A 33 -13.57 -69.72 24.70
CA TRP A 33 -14.90 -69.08 24.87
C TRP A 33 -15.83 -69.62 23.80
N GLY A 34 -15.24 -70.30 22.81
CA GLY A 34 -16.03 -70.89 21.74
C GLY A 34 -16.90 -72.00 22.34
N GLY A 35 -18.02 -72.30 21.68
CA GLY A 35 -18.94 -73.33 22.17
C GLY A 35 -18.21 -74.57 22.64
N ASN A 36 -18.51 -75.02 23.86
CA ASN A 36 -17.86 -76.21 24.41
C ASN A 36 -18.77 -76.87 25.45
N GLU A 37 -19.73 -76.12 25.96
CA GLU A 37 -20.68 -76.57 26.98
C GLU A 37 -20.96 -78.06 27.14
N TRP A 38 -21.32 -78.73 26.04
CA TRP A 38 -21.67 -80.15 26.11
C TRP A 38 -20.70 -81.11 25.42
N VAL A 39 -19.46 -80.67 25.24
CA VAL A 39 -18.46 -81.50 24.61
C VAL A 39 -17.24 -81.58 25.53
N ASP A 40 -16.08 -81.90 24.96
CA ASP A 40 -14.87 -82.00 25.75
C ASP A 40 -13.62 -81.46 25.08
N ASP A 41 -13.73 -81.12 23.81
CA ASP A 41 -12.65 -80.56 22.97
C ASP A 41 -11.55 -79.85 23.79
N SER A 42 -10.69 -80.62 24.45
CA SER A 42 -9.66 -80.03 25.29
C SER A 42 -8.34 -79.72 24.63
N PRO A 43 -7.75 -78.57 24.95
CA PRO A 43 -6.46 -78.11 24.42
C PRO A 43 -5.31 -78.84 25.11
N THR A 44 -4.49 -79.50 24.32
CA THR A 44 -3.36 -80.24 24.88
C THR A 44 -2.34 -79.23 25.35
N ARG A 45 -1.31 -79.72 26.02
CA ARG A 45 -0.25 -78.85 26.53
C ARG A 45 0.42 -78.12 25.38
N SER A 46 0.81 -78.87 24.34
CA SER A 46 1.46 -78.24 23.19
C SER A 46 0.50 -77.28 22.49
N ASP A 47 -0.77 -77.67 22.40
CA ASP A 47 -1.79 -76.82 21.77
C ASP A 47 -1.73 -75.43 22.39
N ILE A 48 -1.67 -75.40 23.71
CA ILE A 48 -1.61 -74.14 24.43
C ILE A 48 -0.32 -73.37 24.20
N GLU A 49 0.82 -73.92 24.61
CA GLU A 49 2.11 -73.24 24.44
C GLU A 49 2.25 -72.57 23.07
N LYS A 50 1.77 -73.27 22.05
CA LYS A 50 1.83 -72.78 20.68
C LYS A 50 0.95 -71.56 20.60
N ARG A 51 -0.32 -71.74 20.90
CA ARG A 51 -1.28 -70.66 20.87
C ARG A 51 -0.69 -69.45 21.58
N ASP A 52 0.01 -69.69 22.68
CA ASP A 52 0.64 -68.61 23.40
C ASP A 52 1.67 -67.94 22.50
N LYS A 53 2.47 -68.72 21.79
CA LYS A 53 3.46 -68.15 20.89
C LYS A 53 2.81 -67.24 19.86
N GLU A 54 1.78 -67.73 19.19
CA GLU A 54 1.07 -66.97 18.16
C GLU A 54 0.55 -65.64 18.70
N ILE A 55 -0.22 -65.73 19.77
CA ILE A 55 -0.79 -64.56 20.42
C ILE A 55 0.31 -63.60 20.84
N THR A 56 1.42 -64.12 21.35
CA THR A 56 2.55 -63.31 21.80
C THR A 56 3.19 -62.53 20.67
N ALA A 57 3.59 -63.24 19.63
CA ALA A 57 4.24 -62.62 18.49
C ALA A 57 3.32 -61.60 17.84
N TYR A 58 2.04 -61.95 17.81
CA TYR A 58 1.03 -61.08 17.22
C TYR A 58 0.84 -59.78 18.00
N LYS A 59 0.55 -59.89 19.28
CA LYS A 59 0.39 -58.71 20.14
C LYS A 59 1.54 -57.79 19.84
N ASN A 60 2.75 -58.34 19.88
CA ASN A 60 3.96 -57.56 19.60
C ASN A 60 3.79 -56.74 18.34
N THR A 61 3.24 -57.36 17.30
CA THR A 61 3.02 -56.68 16.02
C THR A 61 2.16 -55.43 16.23
N LEU A 62 1.03 -55.60 16.91
CA LEU A 62 0.17 -54.47 17.18
C LEU A 62 0.97 -53.50 18.03
N SER A 63 1.82 -54.02 18.90
CA SER A 63 2.61 -53.17 19.77
C SER A 63 3.54 -52.24 18.96
N ALA A 64 4.30 -52.81 18.04
CA ALA A 64 5.21 -52.01 17.22
C ALA A 64 4.40 -50.97 16.46
N GLN A 65 3.33 -51.41 15.82
CA GLN A 65 2.48 -50.51 15.08
C GLN A 65 2.10 -49.33 15.97
N GLN A 66 1.66 -49.64 17.18
CA GLN A 66 1.21 -48.62 18.11
C GLN A 66 2.28 -47.62 18.49
N LYS A 67 3.45 -48.10 18.88
CA LYS A 67 4.52 -47.19 19.25
C LYS A 67 4.78 -46.19 18.12
N GLU A 68 4.87 -46.68 16.89
CA GLU A 68 5.08 -45.80 15.76
C GLU A 68 3.85 -44.94 15.48
N ASN A 69 2.66 -45.49 15.76
CA ASN A 69 1.43 -44.75 15.55
C ASN A 69 1.35 -43.55 16.49
N GLU A 70 1.88 -43.71 17.70
CA GLU A 70 1.90 -42.64 18.68
C GLU A 70 2.76 -41.51 18.14
N ASN A 71 4.03 -41.81 17.85
CA ASN A 71 4.97 -40.81 17.34
C ASN A 71 4.35 -39.86 16.36
N LYS A 72 3.61 -40.39 15.40
CA LYS A 72 2.95 -39.54 14.44
C LYS A 72 2.01 -38.61 15.19
N ARG A 73 1.16 -39.17 16.04
CA ARG A 73 0.24 -38.34 16.82
C ARG A 73 1.04 -37.23 17.47
N THR A 74 2.17 -37.59 18.09
CA THR A 74 3.03 -36.61 18.76
C THR A 74 3.44 -35.41 17.90
N GLU A 75 4.05 -35.65 16.74
CA GLU A 75 4.46 -34.55 15.86
C GLU A 75 3.24 -33.70 15.56
N ALA A 76 2.13 -34.37 15.26
CA ALA A 76 0.89 -33.68 14.98
C ALA A 76 0.65 -32.74 16.15
N GLY A 77 0.58 -33.31 17.34
CA GLY A 77 0.36 -32.54 18.54
C GLY A 77 1.26 -31.32 18.55
N LYS A 78 2.52 -31.49 18.12
CA LYS A 78 3.46 -30.36 18.08
C LYS A 78 2.90 -29.32 17.13
N ARG A 79 2.52 -29.76 15.94
CA ARG A 79 1.96 -28.85 14.95
C ARG A 79 0.69 -28.19 15.47
N LEU A 80 -0.05 -28.89 16.30
CA LEU A 80 -1.27 -28.36 16.88
C LEU A 80 -0.83 -27.16 17.69
N SER A 81 0.24 -27.36 18.43
CA SER A 81 0.77 -26.32 19.29
C SER A 81 1.02 -25.07 18.47
N ALA A 82 1.84 -25.20 17.43
CA ALA A 82 2.15 -24.06 16.59
C ALA A 82 0.86 -23.47 16.05
N ALA A 83 0.01 -24.34 15.50
CA ALA A 83 -1.27 -23.91 14.92
C ALA A 83 -1.98 -22.97 15.88
N ILE A 84 -1.87 -23.29 17.16
CA ILE A 84 -2.47 -22.48 18.20
C ILE A 84 -1.69 -21.18 18.37
N ALA A 85 -0.36 -21.26 18.36
CA ALA A 85 0.46 -20.06 18.50
C ALA A 85 -0.07 -18.99 17.57
N ALA A 86 -0.39 -19.40 16.35
CA ALA A 86 -0.91 -18.46 15.37
C ALA A 86 -2.28 -17.95 15.79
N ARG A 87 -3.25 -18.85 15.90
CA ARG A 87 -4.63 -18.52 16.28
C ARG A 87 -4.61 -17.40 17.30
N GLU A 88 -3.68 -17.51 18.24
CA GLU A 88 -3.52 -16.51 19.28
C GLU A 88 -3.00 -15.26 18.60
N LYS A 89 -1.80 -15.34 18.03
CA LYS A 89 -1.17 -14.22 17.34
C LYS A 89 -2.18 -13.42 16.57
N ASP A 90 -2.94 -14.11 15.72
CA ASP A 90 -3.97 -13.43 14.95
C ASP A 90 -5.04 -12.82 15.84
N GLU A 91 -5.71 -13.66 16.62
CA GLU A 91 -6.77 -13.18 17.51
C GLU A 91 -6.34 -11.91 18.22
N ASN A 92 -5.18 -11.95 18.86
CA ASN A 92 -4.65 -10.79 19.56
C ASN A 92 -4.69 -9.60 18.64
N THR A 93 -4.07 -9.73 17.47
CA THR A 93 -4.08 -8.63 16.53
C THR A 93 -5.50 -8.11 16.30
N LEU A 94 -6.44 -9.01 16.05
CA LEU A 94 -7.82 -8.59 15.81
C LEU A 94 -8.34 -7.69 16.91
N LYS A 95 -8.21 -8.09 18.16
CA LYS A 95 -8.71 -7.28 19.25
C LYS A 95 -8.23 -5.82 19.26
N THR A 96 -6.91 -5.61 19.22
CA THR A 96 -6.42 -4.23 19.22
C THR A 96 -6.94 -3.52 17.97
N LEU A 97 -6.91 -4.23 16.84
CA LEU A 97 -7.40 -3.66 15.60
C LEU A 97 -8.80 -3.11 15.81
N ARG A 98 -9.53 -3.68 16.76
CA ARG A 98 -10.88 -3.22 17.06
C ARG A 98 -10.84 -2.16 18.15
N ALA A 99 -9.84 -2.24 19.01
CA ALA A 99 -9.67 -1.28 20.10
C ALA A 99 -9.33 0.10 19.56
N GLY A 100 -8.88 0.15 18.31
CA GLY A 100 -8.57 1.41 17.70
C GLY A 100 -9.63 1.82 16.69
N ASN A 101 -10.57 0.92 16.44
CA ASN A 101 -11.64 1.15 15.49
C ASN A 101 -11.04 1.31 14.10
N ALA A 102 -10.26 0.30 13.70
CA ALA A 102 -9.64 0.32 12.38
C ALA A 102 -10.78 0.18 11.37
N ASP A 103 -10.48 0.40 10.10
CA ASP A 103 -11.52 0.31 9.09
C ASP A 103 -12.14 -1.06 8.98
N ALA A 104 -13.46 -1.06 8.82
CA ALA A 104 -14.26 -2.27 8.69
C ALA A 104 -13.53 -3.24 7.81
N ALA A 105 -12.98 -2.73 6.71
CA ALA A 105 -12.24 -3.58 5.79
C ALA A 105 -10.97 -4.17 6.40
N ASP A 106 -10.15 -3.34 7.04
CA ASP A 106 -8.91 -3.83 7.66
C ASP A 106 -9.28 -5.01 8.53
N ILE A 107 -10.30 -4.79 9.35
CA ILE A 107 -10.77 -5.81 10.26
C ILE A 107 -11.37 -7.03 9.57
N THR A 108 -12.16 -6.81 8.52
CA THR A 108 -12.77 -7.92 7.78
C THR A 108 -11.67 -8.89 7.32
N ARG A 109 -10.55 -8.33 6.85
CA ARG A 109 -9.42 -9.13 6.41
C ARG A 109 -8.84 -9.81 7.61
N GLN A 110 -8.63 -9.06 8.67
CA GLN A 110 -8.07 -9.65 9.87
C GLN A 110 -8.91 -10.84 10.31
N GLU A 111 -10.21 -10.66 10.41
CA GLU A 111 -11.09 -11.74 10.82
C GLU A 111 -10.84 -12.92 9.91
N PHE A 112 -10.99 -12.71 8.61
CA PHE A 112 -10.76 -13.79 7.66
C PHE A 112 -9.40 -14.42 7.93
N ARG A 113 -8.45 -13.62 8.41
CA ARG A 113 -7.11 -14.10 8.69
C ARG A 113 -7.10 -15.02 9.89
N LEU A 114 -7.85 -14.67 10.93
CA LEU A 114 -7.92 -15.52 12.11
C LEU A 114 -8.71 -16.79 11.78
N LEU A 115 -9.70 -16.66 10.90
CA LEU A 115 -10.52 -17.79 10.48
C LEU A 115 -9.70 -18.93 9.94
N GLN A 116 -8.91 -18.63 8.91
CA GLN A 116 -8.07 -19.64 8.32
C GLN A 116 -7.23 -20.30 9.40
N ALA A 117 -6.59 -19.48 10.24
CA ALA A 117 -5.73 -20.00 11.32
C ALA A 117 -6.54 -20.98 12.16
N GLU A 118 -7.75 -20.55 12.50
CA GLU A 118 -8.68 -21.30 13.29
C GLU A 118 -8.95 -22.63 12.60
N LEU A 119 -9.24 -22.58 11.30
CA LEU A 119 -9.50 -23.80 10.55
C LEU A 119 -8.30 -24.71 10.67
N ARG A 120 -7.12 -24.12 10.59
CA ARG A 120 -5.88 -24.87 10.67
C ARG A 120 -5.83 -25.68 11.96
N GLU A 121 -6.01 -24.98 13.08
CA GLU A 121 -5.99 -25.57 14.42
C GLU A 121 -6.93 -26.76 14.43
N TYR A 122 -8.17 -26.50 14.04
CA TYR A 122 -9.17 -27.53 13.97
C TYR A 122 -8.64 -28.67 13.11
N GLY A 123 -7.93 -28.30 12.04
CA GLY A 123 -7.38 -29.31 11.17
C GLY A 123 -6.66 -30.32 12.02
N PHE A 124 -5.60 -29.88 12.69
CA PHE A 124 -4.83 -30.79 13.50
C PHE A 124 -5.60 -31.48 14.59
N ARG A 125 -6.57 -30.79 15.18
CA ARG A 125 -7.38 -31.41 16.21
C ARG A 125 -7.98 -32.67 15.59
N THR A 126 -8.46 -32.57 14.37
CA THR A 126 -9.05 -33.71 13.70
C THR A 126 -8.01 -34.82 13.56
N GLU A 127 -6.83 -34.48 13.03
CA GLU A 127 -5.79 -35.48 12.85
C GLU A 127 -5.55 -36.23 14.16
N ILE A 128 -5.60 -35.52 15.29
CA ILE A 128 -5.40 -36.18 16.58
C ILE A 128 -6.53 -37.20 16.80
N ALA A 129 -7.75 -36.76 16.51
CA ALA A 129 -8.96 -37.58 16.67
C ALA A 129 -8.81 -38.96 16.02
N GLY A 130 -8.14 -38.97 14.88
CA GLY A 130 -7.91 -40.22 14.16
C GLY A 130 -6.95 -41.11 14.90
N TYR A 131 -5.77 -40.57 15.22
CA TYR A 131 -4.74 -41.35 15.91
C TYR A 131 -5.33 -42.05 17.12
N ASP A 132 -6.12 -41.32 17.90
CA ASP A 132 -6.77 -41.90 19.07
C ASP A 132 -7.61 -43.09 18.65
N ALA A 133 -8.40 -42.95 17.58
CA ALA A 133 -9.22 -44.04 17.08
C ALA A 133 -8.30 -45.24 16.89
N LEU A 134 -7.18 -45.00 16.23
CA LEU A 134 -6.22 -46.07 16.00
C LEU A 134 -5.84 -46.72 17.33
N ARG A 135 -5.41 -45.93 18.32
CA ARG A 135 -5.02 -46.50 19.60
C ARG A 135 -6.15 -47.33 20.18
N LEU A 136 -7.40 -46.89 20.01
CA LEU A 136 -8.50 -47.67 20.53
C LEU A 136 -8.57 -48.97 19.77
N HIS A 137 -8.58 -48.91 18.45
CA HIS A 137 -8.67 -50.12 17.65
C HIS A 137 -7.60 -51.14 18.04
N THR A 138 -6.34 -50.71 18.04
CA THR A 138 -5.23 -51.59 18.39
C THR A 138 -5.59 -52.30 19.67
N GLU A 139 -5.95 -51.52 20.67
CA GLU A 139 -6.33 -52.04 21.97
C GLU A 139 -7.32 -53.21 21.87
N SER A 140 -8.53 -52.95 21.37
CA SER A 140 -9.55 -54.00 21.27
C SER A 140 -8.97 -55.25 20.63
N ARG A 141 -8.04 -55.07 19.71
CA ARG A 141 -7.41 -56.20 19.08
C ARG A 141 -6.59 -56.86 20.18
N MET A 142 -5.67 -56.10 20.78
CA MET A 142 -4.81 -56.60 21.87
C MET A 142 -5.64 -57.50 22.79
N LEU A 143 -6.79 -56.99 23.23
CA LEU A 143 -7.66 -57.75 24.12
C LEU A 143 -8.13 -59.01 23.39
N PHE A 144 -8.81 -58.84 22.27
CA PHE A 144 -9.28 -59.98 21.51
C PHE A 144 -8.21 -61.08 21.47
N ALA A 145 -6.98 -60.69 21.16
CA ALA A 145 -5.89 -61.64 21.11
C ALA A 145 -5.83 -62.36 22.45
N ASP A 146 -5.58 -61.59 23.51
CA ASP A 146 -5.50 -62.16 24.85
C ASP A 146 -6.75 -62.93 25.27
N ALA A 147 -7.82 -62.81 24.50
CA ALA A 147 -9.07 -63.47 24.83
C ALA A 147 -9.20 -64.89 24.32
N ASP A 148 -8.11 -65.45 23.85
CA ASP A 148 -8.20 -66.81 23.34
C ASP A 148 -7.33 -67.76 24.14
N SER A 149 -6.23 -67.19 24.64
CA SER A 149 -5.23 -67.86 25.45
C SER A 149 -5.21 -69.38 25.66
N LEU A 150 -6.35 -69.98 25.96
CA LEU A 150 -6.41 -71.43 26.21
C LEU A 150 -5.84 -71.81 27.58
N ARG A 151 -5.14 -70.88 28.24
CA ARG A 151 -4.59 -71.13 29.58
C ARG A 151 -5.60 -70.63 30.59
N ILE A 152 -6.60 -69.89 30.12
CA ILE A 152 -7.59 -69.32 31.00
C ILE A 152 -8.85 -70.11 31.21
N SER A 153 -9.62 -69.63 32.16
CA SER A 153 -10.87 -70.23 32.52
C SER A 153 -11.92 -69.65 31.59
N PRO A 154 -12.88 -70.46 31.15
CA PRO A 154 -13.93 -69.97 30.25
C PRO A 154 -14.52 -68.68 30.79
N ARG A 155 -14.43 -68.50 32.10
CA ARG A 155 -14.91 -67.27 32.70
C ARG A 155 -14.07 -66.14 32.14
N GLU A 156 -12.80 -66.11 32.56
CA GLU A 156 -11.87 -65.09 32.13
C GLU A 156 -12.01 -64.85 30.65
N ALA A 157 -12.24 -65.94 29.93
CA ALA A 157 -12.43 -65.86 28.50
C ALA A 157 -13.57 -64.88 28.24
N ARG A 158 -14.80 -65.35 28.45
CA ARG A 158 -16.00 -64.56 28.19
C ARG A 158 -15.90 -63.13 28.70
N SER A 159 -15.02 -62.89 29.68
CA SER A 159 -14.84 -61.53 30.18
C SER A 159 -13.89 -60.79 29.26
N LEU A 160 -12.74 -61.40 28.98
CA LEU A 160 -11.77 -60.77 28.13
C LEU A 160 -12.47 -60.32 26.87
N ILE A 161 -13.23 -61.23 26.25
CA ILE A 161 -13.91 -60.87 25.02
C ILE A 161 -14.89 -59.71 25.21
N GLU A 162 -15.78 -59.80 26.21
CA GLU A 162 -16.76 -58.74 26.50
C GLU A 162 -16.03 -57.41 26.60
N GLN A 163 -14.85 -57.45 27.20
CA GLN A 163 -14.03 -56.26 27.33
C GLN A 163 -13.64 -55.76 25.96
N ALA A 164 -13.02 -56.63 25.16
CA ALA A 164 -12.60 -56.28 23.81
C ALA A 164 -13.73 -55.61 23.05
N GLU A 165 -14.88 -56.26 22.97
CA GLU A 165 -16.03 -55.69 22.25
C GLU A 165 -16.33 -54.29 22.71
N LYS A 166 -16.44 -54.11 24.02
CA LYS A 166 -16.74 -52.78 24.57
C LYS A 166 -15.72 -51.81 23.98
N ARG A 167 -14.44 -52.16 24.08
CA ARG A 167 -13.39 -51.32 23.54
C ARG A 167 -13.52 -51.08 22.03
N GLN A 168 -13.65 -52.14 21.23
CA GLN A 168 -13.75 -51.96 19.79
C GLN A 168 -14.83 -50.95 19.44
N LYS A 169 -15.92 -51.02 20.17
CA LYS A 169 -16.99 -50.09 19.91
C LYS A 169 -16.48 -48.67 20.13
N ASP A 170 -15.86 -48.44 21.28
CA ASP A 170 -15.29 -47.12 21.62
C ASP A 170 -14.49 -46.69 20.41
N ALA A 171 -13.71 -47.62 19.89
CA ALA A 171 -12.89 -47.38 18.72
C ALA A 171 -13.79 -46.92 17.60
N GLN A 172 -14.88 -47.65 17.44
CA GLN A 172 -15.82 -47.33 16.39
C GLN A 172 -16.41 -45.96 16.60
N ASN A 173 -16.63 -45.60 17.85
CA ASN A 173 -17.17 -44.28 18.10
C ASN A 173 -16.10 -43.33 17.63
N ALA A 174 -14.86 -43.59 18.05
CA ALA A 174 -13.73 -42.75 17.69
C ALA A 174 -13.77 -42.50 16.21
N ASP A 175 -13.93 -43.59 15.47
CA ASP A 175 -14.01 -43.51 14.03
C ASP A 175 -15.05 -42.47 13.65
N LYS A 176 -16.25 -42.62 14.19
CA LYS A 176 -17.29 -41.66 13.89
C LYS A 176 -16.96 -40.22 14.34
N LYS A 177 -16.14 -40.05 15.38
CA LYS A 177 -15.80 -38.69 15.82
C LYS A 177 -15.00 -38.04 14.74
N ALA A 178 -13.91 -38.69 14.37
CA ALA A 178 -13.02 -38.16 13.35
C ALA A 178 -13.78 -37.82 12.08
N ALA A 179 -14.47 -38.79 11.51
CA ALA A 179 -15.22 -38.59 10.27
C ALA A 179 -16.13 -37.35 10.30
N ASP A 180 -16.97 -37.27 11.32
CA ASP A 180 -17.86 -36.14 11.45
C ASP A 180 -16.91 -34.96 11.46
N MET A 181 -15.95 -35.00 12.37
CA MET A 181 -14.95 -33.96 12.54
C MET A 181 -14.35 -33.55 11.22
N LEU A 182 -14.04 -34.54 10.41
CA LEU A 182 -13.43 -34.35 9.11
C LEU A 182 -14.40 -33.72 8.15
N ALA A 183 -15.69 -33.96 8.37
CA ALA A 183 -16.70 -33.36 7.52
C ALA A 183 -16.78 -31.89 7.91
N GLU A 184 -17.01 -31.66 9.20
CA GLU A 184 -17.10 -30.31 9.74
C GLU A 184 -16.06 -29.43 9.11
N TYR A 185 -14.82 -29.91 9.10
CA TYR A 185 -13.71 -29.17 8.52
C TYR A 185 -14.13 -28.58 7.20
N GLU A 186 -14.48 -29.44 6.25
CA GLU A 186 -14.91 -28.96 4.94
C GLU A 186 -16.14 -28.06 5.09
N ARG A 187 -17.08 -28.45 5.95
CA ARG A 187 -18.27 -27.64 6.19
C ARG A 187 -17.87 -26.23 6.60
N ARG A 188 -16.67 -26.09 7.15
CA ARG A 188 -16.15 -24.78 7.54
C ARG A 188 -15.42 -24.14 6.38
N LYS A 189 -14.59 -24.91 5.69
CA LYS A 189 -13.84 -24.41 4.55
C LYS A 189 -14.80 -23.71 3.61
N GLY A 190 -15.96 -24.32 3.36
CA GLY A 190 -16.96 -23.73 2.48
C GLY A 190 -17.26 -22.31 2.90
N ILE A 191 -17.49 -22.12 4.19
CA ILE A 191 -17.75 -20.79 4.74
C ILE A 191 -16.60 -19.87 4.38
N LEU A 192 -15.36 -20.37 4.46
CA LEU A 192 -14.18 -19.57 4.11
C LEU A 192 -14.38 -19.12 2.67
N ASP A 193 -14.60 -20.09 1.79
CA ASP A 193 -14.82 -19.81 0.37
C ASP A 193 -15.84 -18.69 0.19
N THR A 194 -16.85 -18.68 1.05
CA THR A 194 -17.86 -17.63 1.00
C THR A 194 -17.22 -16.34 1.49
N ARG A 195 -16.69 -16.40 2.70
CA ARG A 195 -16.05 -15.28 3.36
C ARG A 195 -15.02 -14.61 2.47
N LEU A 196 -14.35 -15.38 1.63
CA LEU A 196 -13.33 -14.79 0.74
C LEU A 196 -14.03 -14.02 -0.38
N SER A 197 -15.06 -14.62 -0.97
CA SER A 197 -15.79 -13.95 -2.05
C SER A 197 -16.40 -12.65 -1.58
N GLU A 198 -16.89 -12.61 -0.35
CA GLU A 198 -17.44 -11.39 0.19
C GLU A 198 -16.29 -10.39 0.07
N LEU A 199 -15.14 -10.77 0.61
CA LEU A 199 -13.93 -9.96 0.58
C LEU A 199 -13.63 -9.42 -0.80
N GLU A 200 -13.58 -10.31 -1.78
CA GLU A 200 -13.29 -9.90 -3.15
C GLU A 200 -14.34 -8.93 -3.67
N LYS A 201 -15.61 -9.25 -3.43
CA LYS A 201 -16.71 -8.42 -3.89
C LYS A 201 -16.53 -7.01 -3.37
N ASN A 202 -16.52 -6.86 -2.05
CA ASN A 202 -16.38 -5.54 -1.48
C ASN A 202 -15.05 -4.89 -1.86
N GLY A 203 -14.04 -5.71 -2.14
CA GLY A 203 -12.73 -5.19 -2.53
C GLY A 203 -12.78 -4.40 -3.83
N GLY A 204 -13.59 -4.89 -4.78
CA GLY A 204 -13.72 -4.20 -6.05
C GLY A 204 -14.60 -2.98 -5.86
N ALA A 205 -15.66 -3.17 -5.08
CA ALA A 205 -16.61 -2.11 -4.78
C ALA A 205 -15.87 -0.87 -4.27
N ALA A 206 -14.89 -1.07 -3.40
CA ALA A 206 -14.13 0.06 -2.87
C ALA A 206 -13.36 0.68 -4.01
N LEU A 207 -12.65 -0.14 -4.76
CA LEU A 207 -11.84 0.31 -5.89
C LEU A 207 -12.63 1.32 -6.67
N ALA A 208 -13.81 0.92 -7.14
CA ALA A 208 -14.65 1.80 -7.92
C ALA A 208 -14.78 3.17 -7.26
N VAL A 209 -15.27 3.18 -6.02
CA VAL A 209 -15.45 4.42 -5.29
C VAL A 209 -14.25 5.34 -5.41
N LEU A 210 -13.07 4.76 -5.56
CA LEU A 210 -11.88 5.56 -5.69
C LEU A 210 -11.76 5.97 -7.14
N ASP A 211 -11.95 5.02 -8.06
CA ASP A 211 -11.86 5.30 -9.50
C ASP A 211 -12.77 6.44 -9.95
N ALA A 212 -13.98 6.46 -9.40
CA ALA A 212 -14.94 7.50 -9.73
C ALA A 212 -14.64 8.80 -8.97
N GLN A 213 -14.09 8.67 -7.76
CA GLN A 213 -13.76 9.85 -6.98
C GLN A 213 -12.64 10.60 -7.67
N GLN A 214 -11.62 9.86 -8.12
CA GLN A 214 -10.51 10.47 -8.81
C GLN A 214 -10.95 10.92 -10.20
N ALA A 215 -12.20 10.64 -10.54
CA ALA A 215 -12.77 11.06 -11.82
C ALA A 215 -13.19 12.52 -11.65
N ARG A 216 -14.09 12.81 -10.71
CA ARG A 216 -14.51 14.19 -10.48
C ARG A 216 -13.23 15.04 -10.37
N LEU A 217 -12.32 14.56 -9.52
CA LEU A 217 -11.05 15.24 -9.30
C LEU A 217 -10.33 15.62 -10.58
N LEU A 218 -10.41 14.76 -11.57
CA LEU A 218 -9.77 15.02 -12.85
C LEU A 218 -10.56 16.03 -13.70
N GLY A 219 -11.89 15.91 -13.67
CA GLY A 219 -12.73 16.83 -14.42
C GLY A 219 -12.69 18.20 -13.77
N GLN A 220 -12.41 18.19 -12.47
CA GLN A 220 -12.29 19.40 -11.69
C GLN A 220 -10.98 20.04 -12.11
N GLN A 221 -9.91 19.25 -12.02
CA GLN A 221 -8.57 19.69 -12.36
C GLN A 221 -8.56 20.47 -13.67
N THR A 222 -9.13 19.89 -14.74
CA THR A 222 -9.16 20.54 -16.05
C THR A 222 -9.82 21.89 -15.92
N ARG A 223 -11.06 21.89 -15.47
CA ARG A 223 -11.82 23.12 -15.28
C ARG A 223 -10.97 24.17 -14.58
N ASN A 224 -10.34 23.78 -13.47
CA ASN A 224 -9.48 24.70 -12.73
C ASN A 224 -8.43 25.27 -13.68
N ASP A 225 -7.69 24.39 -14.35
CA ASP A 225 -6.66 24.84 -15.29
C ASP A 225 -7.25 25.71 -16.39
N ARG A 226 -8.54 25.53 -16.68
CA ARG A 226 -9.18 26.35 -17.69
C ARG A 226 -9.32 27.74 -17.09
N ALA A 227 -9.99 27.82 -15.94
CA ALA A 227 -10.20 29.07 -15.24
C ALA A 227 -8.90 29.84 -15.12
N ILE A 228 -7.84 29.12 -14.80
CA ILE A 228 -6.53 29.71 -14.67
C ILE A 228 -6.20 30.56 -15.90
N SER A 229 -6.41 30.02 -17.09
CA SER A 229 -6.14 30.75 -18.33
C SER A 229 -6.83 32.10 -18.29
N GLU A 230 -8.15 32.06 -18.21
CA GLU A 230 -8.98 33.25 -18.17
C GLU A 230 -8.39 34.31 -17.26
N ALA A 231 -8.38 34.01 -15.97
CA ALA A 231 -7.86 34.90 -14.94
C ALA A 231 -6.46 35.42 -15.28
N ARG A 232 -5.57 34.51 -15.67
CA ARG A 232 -4.20 34.87 -16.03
C ARG A 232 -4.26 36.00 -17.06
N ASN A 233 -5.26 35.93 -17.92
CA ASN A 233 -5.46 36.94 -18.96
C ASN A 233 -6.05 38.23 -18.39
N LYS A 234 -7.10 38.11 -17.58
CA LYS A 234 -7.75 39.26 -17.00
C LYS A 234 -6.75 40.07 -16.19
N LEU A 235 -5.77 39.40 -15.58
CA LEU A 235 -4.75 40.12 -14.81
C LEU A 235 -4.01 41.00 -15.79
N SER A 236 -3.78 40.45 -16.99
CA SER A 236 -3.10 41.19 -18.02
C SER A 236 -3.93 42.42 -18.37
N SER A 237 -5.14 42.19 -18.91
CA SER A 237 -6.02 43.28 -19.30
C SER A 237 -6.14 44.34 -18.23
N VAL A 238 -5.88 43.98 -16.98
CA VAL A 238 -5.93 44.94 -15.91
C VAL A 238 -4.60 45.68 -15.88
N THR A 239 -3.52 44.97 -15.56
CA THR A 239 -2.17 45.54 -15.50
C THR A 239 -1.86 46.38 -16.75
N GLU A 240 -2.43 45.96 -17.87
CA GLU A 240 -2.26 46.64 -19.14
C GLU A 240 -2.73 48.08 -18.91
N SER A 241 -3.98 48.21 -18.50
CA SER A 241 -4.55 49.51 -18.22
C SER A 241 -3.79 50.22 -17.12
N LEU A 242 -3.37 49.47 -16.09
CA LEU A 242 -2.62 50.04 -14.97
C LEU A 242 -1.50 50.95 -15.44
N ASN A 243 -0.81 50.53 -16.49
CA ASN A 243 0.28 51.33 -17.01
C ASN A 243 -0.24 52.57 -17.71
N THR A 244 -1.28 52.42 -18.53
CA THR A 244 -1.83 53.57 -19.24
C THR A 244 -2.04 54.66 -18.21
N ALA A 245 -2.71 54.30 -17.13
CA ALA A 245 -2.99 55.24 -16.06
C ALA A 245 -1.69 55.91 -15.61
N ARG A 246 -0.79 55.10 -15.04
CA ARG A 246 0.49 55.60 -14.55
C ARG A 246 1.21 56.46 -15.59
N ASN A 247 0.97 56.17 -16.87
CA ASN A 247 1.56 56.95 -17.94
C ASN A 247 0.87 58.29 -17.95
N ALA A 248 -0.45 58.24 -17.94
CA ALA A 248 -1.27 59.44 -17.93
C ALA A 248 -0.80 60.32 -16.78
N LEU A 249 -0.78 59.76 -15.58
CA LEU A 249 -0.35 60.49 -14.39
C LEU A 249 1.05 61.07 -14.53
N THR A 250 1.96 60.28 -15.08
CA THR A 250 3.33 60.71 -15.28
C THR A 250 3.35 61.94 -16.17
N ARG A 251 2.56 61.92 -17.25
CA ARG A 251 2.50 63.05 -18.15
C ARG A 251 1.82 64.22 -17.41
N ALA A 252 0.78 63.92 -16.66
CA ALA A 252 0.05 64.93 -15.91
C ALA A 252 0.96 65.70 -14.96
N GLU A 253 1.44 65.03 -13.92
CA GLU A 253 2.32 65.67 -12.95
C GLU A 253 3.39 66.42 -13.71
N GLN A 254 3.79 65.89 -14.87
CA GLN A 254 4.80 66.55 -15.69
C GLN A 254 4.27 67.94 -16.00
N GLN A 255 3.04 67.98 -16.52
CA GLN A 255 2.40 69.23 -16.85
C GLN A 255 2.36 70.17 -15.65
N LEU A 256 1.88 69.67 -14.51
CA LEU A 256 1.78 70.48 -13.30
C LEU A 256 3.08 71.18 -12.96
N THR A 257 4.16 70.44 -12.94
CA THR A 257 5.45 71.01 -12.62
C THR A 257 5.69 72.19 -13.56
N GLN A 258 5.46 71.96 -14.86
CA GLN A 258 5.65 72.99 -15.88
C GLN A 258 4.98 74.28 -15.45
N GLN A 259 3.67 74.20 -15.20
CA GLN A 259 2.91 75.38 -14.79
C GLN A 259 3.37 75.90 -13.43
N LYS A 260 3.98 75.05 -12.63
CA LYS A 260 4.45 75.49 -11.32
C LYS A 260 5.80 76.18 -11.40
N ASN A 261 6.43 76.15 -12.55
CA ASN A 261 7.72 76.80 -12.67
C ASN A 261 7.79 78.05 -13.52
N THR A 262 6.63 78.48 -14.02
CA THR A 262 6.54 79.71 -14.80
C THR A 262 7.02 80.79 -13.83
N PRO A 263 7.74 81.80 -14.31
CA PRO A 263 8.21 82.84 -13.41
C PRO A 263 7.04 83.27 -12.51
N ASP A 264 5.90 83.56 -13.12
CA ASP A 264 4.70 83.95 -12.38
C ASP A 264 4.24 82.78 -11.54
N GLY A 265 4.28 81.60 -12.16
CA GLY A 265 3.86 80.38 -11.49
C GLY A 265 4.45 80.28 -10.10
N LYS A 266 5.77 80.37 -10.01
CA LYS A 266 6.47 80.29 -8.73
C LYS A 266 5.83 81.19 -7.69
N THR A 267 5.45 82.40 -8.10
CA THR A 267 4.83 83.32 -7.15
C THR A 267 3.53 82.76 -6.60
N ILE A 268 2.73 82.10 -7.42
CA ILE A 268 1.49 81.51 -6.91
C ILE A 268 1.92 80.51 -5.86
N VAL A 269 2.93 79.71 -6.19
CA VAL A 269 3.45 78.70 -5.28
C VAL A 269 4.05 79.34 -4.03
N SER A 270 4.60 80.54 -4.18
CA SER A 270 5.23 81.23 -3.06
C SER A 270 5.46 82.72 -3.32
N PRO A 271 4.63 83.57 -2.72
CA PRO A 271 4.72 85.02 -2.86
C PRO A 271 6.02 85.57 -2.27
N GLU A 272 6.32 85.17 -1.03
CA GLU A 272 7.54 85.61 -0.35
C GLU A 272 8.83 85.07 -0.98
N LYS A 273 8.88 83.77 -1.26
CA LYS A 273 10.09 83.18 -1.87
C LYS A 273 10.32 83.71 -3.28
N PHE A 274 9.24 84.08 -3.96
CA PHE A 274 9.33 84.63 -5.31
C PHE A 274 8.23 85.67 -5.49
N PRO A 275 8.52 86.92 -5.14
CA PRO A 275 7.53 87.99 -5.28
C PRO A 275 7.11 88.17 -6.72
N GLY A 276 5.82 88.38 -6.94
CA GLY A 276 5.31 88.59 -8.28
C GLY A 276 5.23 90.09 -8.48
N ARG A 277 6.01 90.60 -9.42
CA ARG A 277 6.04 92.04 -9.71
C ARG A 277 5.71 92.37 -11.15
N SER A 278 5.40 93.64 -11.38
CA SER A 278 5.05 94.15 -12.70
C SER A 278 5.09 95.66 -12.67
N SER A 279 5.65 96.25 -13.71
CA SER A 279 5.76 97.69 -13.77
C SER A 279 5.72 98.22 -15.18
N THR A 280 5.22 99.44 -15.32
CA THR A 280 5.07 100.08 -16.60
C THR A 280 5.40 101.55 -16.49
N ASN A 281 6.22 102.01 -17.44
CA ASN A 281 6.64 103.40 -17.51
C ASN A 281 5.57 104.17 -18.26
N ASP A 282 5.08 105.23 -17.65
CA ASP A 282 4.04 106.01 -18.29
C ASP A 282 4.60 107.41 -18.44
N SER A 283 4.23 108.04 -19.54
CA SER A 283 4.68 109.40 -19.80
C SER A 283 3.37 110.18 -19.72
N ILE A 284 2.95 110.47 -18.51
CA ILE A 284 1.68 111.18 -18.32
C ILE A 284 1.86 112.67 -18.58
N VAL A 285 0.88 113.27 -19.25
CA VAL A 285 0.95 114.70 -19.55
C VAL A 285 -0.17 115.47 -18.87
N VAL A 286 0.16 116.66 -18.38
CA VAL A 286 -0.81 117.51 -17.72
C VAL A 286 -1.04 118.74 -18.57
N SER A 287 -2.13 119.43 -18.31
CA SER A 287 -2.45 120.60 -19.08
C SER A 287 -3.14 121.60 -18.16
N GLY A 288 -3.60 122.71 -18.73
CA GLY A 288 -4.28 123.71 -17.94
C GLY A 288 -3.32 124.52 -17.08
N ASP A 289 -3.36 124.29 -15.78
CA ASP A 289 -2.50 125.03 -14.83
C ASP A 289 -1.02 124.94 -15.14
N PRO A 290 -0.45 126.08 -15.55
CA PRO A 290 0.97 126.21 -15.90
C PRO A 290 1.94 125.86 -14.76
N ARG A 291 1.45 125.80 -13.53
CA ARG A 291 2.33 125.45 -12.43
C ARG A 291 2.56 123.97 -12.45
N PHE A 292 1.66 123.23 -13.09
CA PHE A 292 1.80 121.79 -13.13
C PHE A 292 1.72 121.27 -14.55
N ALA A 293 1.48 122.17 -15.49
CA ALA A 293 1.33 121.75 -16.87
C ALA A 293 2.62 121.16 -17.39
N GLY A 294 2.57 119.89 -17.76
CA GLY A 294 3.76 119.27 -18.29
C GLY A 294 3.62 117.84 -18.78
N THR A 295 4.64 117.06 -18.46
CA THR A 295 4.70 115.67 -18.85
C THR A 295 5.48 115.06 -17.69
N ILE A 296 4.76 114.44 -16.77
CA ILE A 296 5.36 113.82 -15.60
C ILE A 296 5.93 112.51 -16.08
N LYS A 297 7.19 112.24 -15.76
CA LYS A 297 7.80 110.98 -16.17
C LYS A 297 8.07 110.07 -14.96
N ILE A 298 7.10 109.21 -14.63
CA ILE A 298 7.19 108.31 -13.48
C ILE A 298 7.27 106.85 -13.87
N THR A 299 7.30 105.97 -12.88
CA THR A 299 7.37 104.53 -13.10
C THR A 299 6.46 103.80 -12.10
N THR A 300 5.32 103.31 -12.58
CA THR A 300 4.38 102.62 -11.70
C THR A 300 4.82 101.19 -11.35
N SER A 301 5.18 100.96 -10.09
CA SER A 301 5.60 99.64 -9.66
C SER A 301 4.53 99.05 -8.76
N ALA A 302 4.47 97.73 -8.77
CA ALA A 302 3.54 96.96 -7.96
C ALA A 302 4.22 95.63 -7.73
N VAL A 303 4.06 95.07 -6.53
CA VAL A 303 4.67 93.78 -6.20
C VAL A 303 3.76 93.02 -5.23
N ILE A 304 3.70 91.71 -5.38
CA ILE A 304 2.88 90.86 -4.52
C ILE A 304 3.92 89.94 -3.92
N ASP A 305 3.97 89.87 -2.59
CA ASP A 305 4.96 89.03 -1.90
C ASP A 305 4.45 88.39 -0.63
N ASN A 306 3.15 88.09 -0.58
CA ASN A 306 2.54 87.49 0.61
C ASN A 306 1.24 86.77 0.25
N ARG A 307 1.02 85.60 0.85
CA ARG A 307 -0.19 84.84 0.60
C ARG A 307 -1.42 85.67 0.84
N ALA A 308 -1.47 86.30 2.02
CA ALA A 308 -2.59 87.13 2.39
C ALA A 308 -2.96 88.04 1.23
N ASN A 309 -2.00 88.85 0.82
CA ASN A 309 -2.24 89.78 -0.27
C ASN A 309 -2.49 89.13 -1.63
N LEU A 310 -1.70 88.12 -2.01
CA LEU A 310 -1.90 87.45 -3.29
C LEU A 310 -3.34 86.98 -3.42
N ASN A 311 -3.85 86.38 -2.35
CA ASN A 311 -5.21 85.90 -2.36
C ASN A 311 -6.18 87.05 -2.60
N TYR A 312 -6.09 88.09 -1.78
CA TYR A 312 -6.98 89.24 -1.93
C TYR A 312 -7.06 89.69 -3.41
N LEU A 313 -5.91 89.95 -4.02
CA LEU A 313 -5.85 90.41 -5.41
C LEU A 313 -6.65 89.47 -6.28
N LEU A 314 -6.20 88.22 -6.41
CA LEU A 314 -6.93 87.28 -7.23
C LEU A 314 -8.43 87.37 -6.96
N SER A 315 -8.82 87.75 -5.74
CA SER A 315 -10.25 87.84 -5.41
C SER A 315 -10.84 89.26 -5.32
N HIS A 316 -10.24 90.22 -6.00
CA HIS A 316 -10.72 91.61 -5.97
C HIS A 316 -10.21 92.39 -7.21
N SER A 317 -10.37 93.71 -7.19
CA SER A 317 -9.89 94.53 -8.29
C SER A 317 -8.53 95.08 -7.97
N GLY A 318 -7.89 95.67 -8.97
CA GLY A 318 -6.60 96.25 -8.74
C GLY A 318 -6.97 97.47 -7.93
N LEU A 319 -7.90 98.26 -8.47
CA LEU A 319 -8.39 99.48 -7.83
C LEU A 319 -8.75 99.24 -6.38
N ASP A 320 -9.41 98.11 -6.16
CA ASP A 320 -9.83 97.70 -4.85
C ASP A 320 -8.60 97.48 -3.96
N TYR A 321 -7.71 96.59 -4.38
CA TYR A 321 -6.48 96.29 -3.64
C TYR A 321 -5.82 97.62 -3.32
N LYS A 322 -5.72 98.48 -4.34
CA LYS A 322 -5.12 99.80 -4.21
C LYS A 322 -5.87 100.55 -3.13
N ARG A 323 -7.19 100.36 -3.09
CA ARG A 323 -8.02 101.05 -2.14
C ARG A 323 -8.28 100.33 -0.82
N ASN A 324 -7.90 99.07 -0.69
CA ASN A 324 -8.17 98.37 0.54
C ASN A 324 -7.01 97.65 1.22
N ILE A 325 -5.88 97.53 0.54
CA ILE A 325 -4.72 96.87 1.13
C ILE A 325 -3.68 97.95 1.36
N LEU A 326 -3.67 98.95 0.49
CA LEU A 326 -2.72 100.05 0.62
C LEU A 326 -3.38 101.27 1.26
N ASN A 327 -4.71 101.33 1.17
CA ASN A 327 -5.45 102.44 1.73
C ASN A 327 -5.12 103.74 1.05
N ASP A 328 -4.70 103.61 -0.20
CA ASP A 328 -4.44 104.76 -1.04
C ASP A 328 -5.84 104.95 -1.64
N ARG A 329 -6.65 105.74 -0.92
CA ARG A 329 -8.04 106.02 -1.28
C ARG A 329 -8.32 107.28 -2.11
N ASN A 330 -7.98 108.46 -1.58
CA ASN A 330 -8.22 109.67 -2.35
C ASN A 330 -7.13 109.82 -3.38
N PRO A 331 -7.50 109.84 -4.67
CA PRO A 331 -6.46 109.99 -5.68
C PRO A 331 -5.71 111.32 -5.49
N VAL A 332 -6.40 112.32 -4.95
CA VAL A 332 -5.81 113.63 -4.72
C VAL A 332 -4.95 113.64 -3.45
N VAL A 333 -3.64 113.66 -3.65
CA VAL A 333 -2.67 113.67 -2.56
C VAL A 333 -1.96 115.00 -2.50
N THR A 334 -2.00 115.76 -3.59
CA THR A 334 -1.35 117.07 -3.62
C THR A 334 -2.13 118.14 -4.33
N GLU A 335 -1.52 119.29 -4.51
CA GLU A 335 -2.22 120.39 -5.14
C GLU A 335 -2.44 120.12 -6.62
N ASP A 336 -1.68 119.18 -7.18
CA ASP A 336 -1.83 118.89 -8.59
C ASP A 336 -2.89 117.85 -8.85
N VAL A 337 -4.13 118.28 -8.94
CA VAL A 337 -5.25 117.38 -9.19
C VAL A 337 -5.15 116.49 -10.44
N GLU A 338 -5.02 117.15 -11.59
CA GLU A 338 -4.95 116.46 -12.87
C GLU A 338 -3.89 115.37 -12.80
N GLY A 339 -2.67 115.79 -12.52
CA GLY A 339 -1.55 114.87 -12.44
C GLY A 339 -1.84 113.75 -11.48
N ASP A 340 -2.25 114.13 -10.28
CA ASP A 340 -2.54 113.14 -9.27
C ASP A 340 -3.61 112.14 -9.67
N LYS A 341 -4.60 112.58 -10.43
CA LYS A 341 -5.61 111.64 -10.85
C LYS A 341 -5.06 110.73 -11.95
N LYS A 342 -4.34 111.31 -12.89
CA LYS A 342 -3.77 110.54 -13.99
C LYS A 342 -2.75 109.52 -13.47
N ILE A 343 -1.92 109.94 -12.52
CA ILE A 343 -0.91 109.05 -11.96
C ILE A 343 -1.59 107.86 -11.32
N TYR A 344 -2.53 108.13 -10.43
CA TYR A 344 -3.31 107.10 -9.72
C TYR A 344 -3.81 106.06 -10.71
N ASN A 345 -4.64 106.50 -11.65
CA ASN A 345 -5.18 105.60 -12.67
C ASN A 345 -4.07 104.72 -13.19
N ALA A 346 -2.89 105.30 -13.36
CA ALA A 346 -1.74 104.55 -13.84
C ALA A 346 -1.35 103.54 -12.77
N GLU A 347 -1.21 104.00 -11.52
CA GLU A 347 -0.83 103.16 -10.39
C GLU A 347 -1.75 101.95 -10.27
N VAL A 348 -3.02 102.19 -10.52
CA VAL A 348 -4.02 101.16 -10.43
C VAL A 348 -3.97 100.18 -11.60
N ALA A 349 -3.75 100.70 -12.80
CA ALA A 349 -3.69 99.87 -14.00
C ALA A 349 -2.74 98.73 -13.72
N GLU A 350 -1.63 99.03 -13.04
CA GLU A 350 -0.63 98.01 -12.70
C GLU A 350 -1.30 96.84 -12.00
N TRP A 351 -1.81 97.09 -10.81
CA TRP A 351 -2.48 96.05 -10.05
C TRP A 351 -3.40 95.32 -10.99
N ASP A 352 -4.21 96.05 -11.74
CA ASP A 352 -5.11 95.41 -12.68
C ASP A 352 -4.34 94.45 -13.60
N LYS A 353 -3.27 94.93 -14.24
CA LYS A 353 -2.50 94.12 -15.18
C LYS A 353 -1.67 92.98 -14.56
N LEU A 354 -1.24 93.17 -13.30
CA LEU A 354 -0.48 92.13 -12.62
C LEU A 354 -1.48 91.10 -12.14
N ARG A 355 -2.64 91.58 -11.69
CA ARG A 355 -3.67 90.68 -11.20
C ARG A 355 -4.00 89.71 -12.31
N GLN A 356 -4.33 90.24 -13.49
CA GLN A 356 -4.70 89.41 -14.63
C GLN A 356 -3.64 88.34 -14.82
N ARG A 357 -2.41 88.74 -14.61
CA ARG A 357 -1.27 87.86 -14.77
C ARG A 357 -1.25 86.74 -13.72
N LEU A 358 -1.05 87.09 -12.45
CA LEU A 358 -1.01 86.08 -11.39
C LEU A 358 -2.26 85.23 -11.46
N LEU A 359 -3.36 85.87 -11.84
CA LEU A 359 -4.63 85.21 -11.98
C LEU A 359 -4.54 84.05 -12.98
N ASP A 360 -4.28 84.38 -14.24
CA ASP A 360 -4.21 83.37 -15.28
C ASP A 360 -3.28 82.30 -14.79
N ALA A 361 -2.16 82.75 -14.25
CA ALA A 361 -1.15 81.85 -13.71
C ALA A 361 -1.80 80.85 -12.77
N ARG A 362 -2.62 81.34 -11.84
CA ARG A 362 -3.29 80.45 -10.89
C ARG A 362 -4.00 79.36 -11.69
N ASN A 363 -4.93 79.81 -12.54
CA ASN A 363 -5.71 78.90 -13.36
C ASN A 363 -4.87 77.81 -14.03
N LYS A 364 -3.71 78.17 -14.53
CA LYS A 364 -2.86 77.19 -15.20
C LYS A 364 -2.52 76.05 -14.25
N ILE A 365 -2.11 76.38 -13.04
CA ILE A 365 -1.79 75.35 -12.05
C ILE A 365 -3.09 74.63 -11.72
N THR A 366 -4.18 75.39 -11.62
CA THR A 366 -5.48 74.82 -11.31
C THR A 366 -5.84 73.67 -12.24
N SER A 367 -6.02 73.98 -13.51
CA SER A 367 -6.40 72.98 -14.49
C SER A 367 -5.51 71.76 -14.36
N ALA A 368 -4.21 72.00 -14.27
CA ALA A 368 -3.27 70.90 -14.16
C ALA A 368 -3.58 70.02 -12.97
N GLU A 369 -3.74 70.64 -11.80
CA GLU A 369 -4.02 69.87 -10.60
C GLU A 369 -5.24 68.96 -10.71
N SER A 370 -6.32 69.45 -11.30
CA SER A 370 -7.48 68.61 -11.46
C SER A 370 -7.09 67.45 -12.36
N ALA A 371 -6.29 67.74 -13.37
CA ALA A 371 -5.84 66.69 -14.27
C ALA A 371 -5.14 65.71 -13.39
N VAL A 372 -4.03 66.15 -12.82
CA VAL A 372 -3.23 65.31 -11.97
C VAL A 372 -4.09 64.43 -11.12
N ASN A 373 -4.80 65.01 -10.16
CA ASN A 373 -5.61 64.18 -9.30
C ASN A 373 -6.60 63.27 -10.03
N SER A 374 -7.13 63.71 -11.17
CA SER A 374 -8.03 62.82 -11.87
C SER A 374 -7.24 61.58 -12.28
N ALA A 375 -6.04 61.77 -12.80
CA ALA A 375 -5.22 60.63 -13.22
C ALA A 375 -4.88 59.85 -11.97
N ARG A 376 -4.44 60.57 -10.95
CA ARG A 376 -4.07 59.98 -9.67
C ARG A 376 -5.23 59.26 -9.01
N ASN A 377 -6.46 59.52 -9.47
CA ASN A 377 -7.63 58.85 -8.92
C ASN A 377 -8.27 57.86 -9.88
N ASN A 378 -7.53 57.51 -10.92
CA ASN A 378 -7.95 56.50 -11.90
C ASN A 378 -6.93 55.38 -11.76
N LEU A 379 -5.70 55.76 -11.44
CA LEU A 379 -4.62 54.83 -11.23
C LEU A 379 -5.10 53.96 -10.07
N SER A 380 -5.35 54.61 -8.93
CA SER A 380 -5.86 53.89 -7.76
C SER A 380 -7.06 53.01 -8.16
N ALA A 381 -8.02 53.60 -8.87
CA ALA A 381 -9.21 52.87 -9.33
C ALA A 381 -8.73 51.60 -10.00
N ARG A 382 -7.73 51.74 -10.86
CA ARG A 382 -7.18 50.62 -11.57
C ARG A 382 -6.43 49.63 -10.70
N THR A 383 -5.62 50.13 -9.77
CA THR A 383 -4.87 49.23 -8.91
C THR A 383 -5.78 48.33 -8.07
N ASN A 384 -6.95 48.86 -7.69
CA ASN A 384 -7.91 48.07 -6.92
C ASN A 384 -8.20 46.82 -7.75
N GLU A 385 -8.37 47.02 -9.05
CA GLU A 385 -8.64 45.96 -9.99
C GLU A 385 -7.49 44.95 -10.10
N GLN A 386 -6.26 45.46 -10.17
CA GLN A 386 -5.09 44.59 -10.27
C GLN A 386 -5.09 43.62 -9.10
N LYS A 387 -5.30 44.13 -7.89
CA LYS A 387 -5.35 43.25 -6.73
C LYS A 387 -6.41 42.18 -7.02
N HIS A 388 -7.60 42.63 -7.36
CA HIS A 388 -8.73 41.73 -7.63
C HIS A 388 -8.59 40.89 -8.90
N ALA A 389 -7.34 40.75 -9.34
CA ALA A 389 -7.01 39.94 -10.50
C ALA A 389 -5.92 39.00 -10.01
N ASN A 390 -4.85 39.57 -9.46
CA ASN A 390 -3.75 38.77 -8.93
C ASN A 390 -4.29 37.87 -7.84
N ASP A 391 -4.99 38.47 -6.86
CA ASP A 391 -5.57 37.71 -5.76
C ASP A 391 -6.43 36.57 -6.31
N ALA A 392 -7.39 36.92 -7.16
CA ALA A 392 -8.31 35.96 -7.78
C ALA A 392 -7.55 34.81 -8.47
N LEU A 393 -6.50 35.16 -9.20
CA LEU A 393 -5.66 34.20 -9.90
C LEU A 393 -5.05 33.26 -8.86
N ASN A 394 -4.49 33.86 -7.81
CA ASN A 394 -3.85 33.10 -6.74
C ASN A 394 -4.81 32.14 -6.05
N ALA A 395 -5.99 32.64 -5.68
CA ALA A 395 -6.99 31.80 -5.04
C ALA A 395 -7.09 30.52 -5.85
N LEU A 396 -7.20 30.68 -7.16
CA LEU A 396 -7.27 29.55 -8.05
C LEU A 396 -6.01 28.70 -7.93
N LEU A 397 -4.84 29.35 -7.84
CA LEU A 397 -3.59 28.60 -7.70
C LEU A 397 -3.59 27.73 -6.44
N LYS A 398 -4.41 28.13 -5.46
CA LYS A 398 -4.55 27.40 -4.22
C LYS A 398 -5.30 26.11 -4.50
N GLU A 399 -6.47 26.21 -5.13
CA GLU A 399 -7.22 25.01 -5.43
C GLU A 399 -6.36 24.09 -6.28
N LYS A 400 -5.48 24.67 -7.09
CA LYS A 400 -4.58 23.85 -7.90
C LYS A 400 -3.77 23.03 -6.88
N GLU A 401 -3.19 23.72 -5.90
CA GLU A 401 -2.42 23.05 -4.86
C GLU A 401 -3.28 21.97 -4.21
N ASN A 402 -4.51 22.32 -3.86
CA ASN A 402 -5.41 21.39 -3.18
C ASN A 402 -5.98 20.22 -3.99
N ILE A 403 -6.26 20.44 -5.26
CA ILE A 403 -6.79 19.36 -6.09
C ILE A 403 -5.69 18.32 -6.20
N ARG A 404 -4.50 18.76 -6.62
CA ARG A 404 -3.32 17.90 -6.77
C ARG A 404 -3.10 17.06 -5.52
N ASN A 405 -3.29 17.69 -4.37
CA ASN A 405 -3.14 17.04 -3.07
C ASN A 405 -4.19 15.96 -2.88
N GLN A 406 -5.45 16.36 -3.00
CA GLN A 406 -6.57 15.44 -2.85
C GLN A 406 -6.36 14.26 -3.78
N LEU A 407 -5.98 14.56 -5.03
CA LEU A 407 -5.76 13.57 -6.07
C LEU A 407 -4.66 12.58 -5.74
N SER A 408 -3.44 13.07 -5.54
CA SER A 408 -2.30 12.21 -5.21
C SER A 408 -2.72 11.19 -4.16
N GLY A 409 -3.33 11.68 -3.09
CA GLY A 409 -3.80 10.79 -2.04
C GLY A 409 -4.55 9.66 -2.72
N ILE A 410 -5.59 10.04 -3.46
CA ILE A 410 -6.37 9.06 -4.17
C ILE A 410 -5.53 8.15 -5.05
N ASN A 411 -4.57 8.72 -5.79
CA ASN A 411 -3.72 7.90 -6.66
C ASN A 411 -3.18 6.77 -5.82
N GLN A 412 -2.47 7.17 -4.77
CA GLN A 412 -1.86 6.24 -3.84
C GLN A 412 -2.90 5.21 -3.39
N LYS A 413 -4.04 5.71 -2.91
CA LYS A 413 -5.11 4.85 -2.43
C LYS A 413 -5.41 3.73 -3.43
N ILE A 414 -5.68 4.11 -4.67
CA ILE A 414 -5.99 3.12 -5.71
C ILE A 414 -4.83 2.14 -5.98
N ALA A 415 -3.60 2.65 -6.00
CA ALA A 415 -2.45 1.80 -6.24
C ALA A 415 -2.46 0.72 -5.17
N GLU A 416 -2.53 1.16 -3.93
CA GLU A 416 -2.53 0.27 -2.77
C GLU A 416 -3.60 -0.80 -2.86
N GLU A 417 -4.85 -0.40 -3.04
CA GLU A 417 -5.91 -1.40 -3.15
C GLU A 417 -5.54 -2.35 -4.26
N LYS A 418 -4.93 -1.82 -5.32
CA LYS A 418 -4.56 -2.69 -6.42
C LYS A 418 -3.52 -3.75 -6.06
N ARG A 419 -2.39 -3.33 -5.49
CA ARG A 419 -1.34 -4.29 -5.11
C ARG A 419 -1.94 -5.39 -4.24
N LYS A 420 -2.78 -4.98 -3.28
CA LYS A 420 -3.44 -5.93 -2.38
C LYS A 420 -4.36 -6.86 -3.17
N GLN A 421 -5.19 -6.29 -4.04
CA GLN A 421 -6.14 -7.05 -4.84
C GLN A 421 -5.39 -8.02 -5.73
N ASP A 422 -4.24 -7.59 -6.22
CA ASP A 422 -3.42 -8.42 -7.09
C ASP A 422 -2.89 -9.62 -6.33
N GLU A 423 -2.05 -9.36 -5.34
CA GLU A 423 -1.45 -10.41 -4.52
C GLU A 423 -2.41 -11.57 -4.22
N LEU A 424 -3.62 -11.23 -3.81
CA LEU A 424 -4.64 -12.22 -3.51
C LEU A 424 -4.78 -13.13 -4.70
N LYS A 425 -5.06 -12.54 -5.86
CA LYS A 425 -5.23 -13.33 -7.05
C LYS A 425 -3.97 -14.15 -7.32
N ALA A 426 -2.81 -13.51 -7.17
CA ALA A 426 -1.54 -14.20 -7.42
C ALA A 426 -1.33 -15.42 -6.56
N THR A 427 -1.70 -15.31 -5.28
CA THR A 427 -1.55 -16.39 -4.33
C THR A 427 -2.65 -17.43 -4.51
N LYS A 428 -3.80 -16.98 -4.95
CA LYS A 428 -4.97 -17.83 -5.20
C LYS A 428 -4.57 -18.77 -6.31
N ASP A 429 -4.43 -18.21 -7.52
CA ASP A 429 -4.07 -18.95 -8.72
C ASP A 429 -2.91 -19.89 -8.43
N ALA A 430 -1.97 -19.42 -7.62
CA ALA A 430 -0.83 -20.24 -7.24
C ALA A 430 -1.33 -21.46 -6.46
N ILE A 431 -2.14 -21.19 -5.44
CA ILE A 431 -2.72 -22.25 -4.65
C ILE A 431 -3.42 -23.21 -5.59
N ASN A 432 -3.74 -22.75 -6.79
CA ASN A 432 -4.42 -23.61 -7.76
C ASN A 432 -3.46 -24.36 -8.68
N PHE A 433 -2.27 -23.82 -8.84
CA PHE A 433 -1.26 -24.47 -9.67
C PHE A 433 -0.83 -25.75 -8.94
N THR A 434 -0.56 -25.64 -7.65
CA THR A 434 -0.13 -26.79 -6.84
C THR A 434 -1.23 -27.86 -6.75
N THR A 435 -2.48 -27.45 -6.53
CA THR A 435 -3.56 -28.42 -6.48
C THR A 435 -3.55 -29.11 -7.85
N GLU A 436 -3.53 -28.32 -8.93
CA GLU A 436 -3.48 -28.88 -10.26
C GLU A 436 -2.22 -29.74 -10.48
N PHE A 437 -1.23 -29.56 -9.63
CA PHE A 437 0.00 -30.33 -9.72
C PHE A 437 -0.25 -31.73 -9.14
N LEU A 438 -0.40 -31.79 -7.83
CA LEU A 438 -0.62 -33.04 -7.13
C LEU A 438 -1.57 -33.98 -7.86
N LYS A 439 -2.66 -33.44 -8.43
CA LYS A 439 -3.63 -34.24 -9.17
C LYS A 439 -3.05 -34.94 -10.40
N SER A 440 -2.49 -34.18 -11.34
CA SER A 440 -1.89 -34.79 -12.53
C SER A 440 -0.81 -35.78 -12.09
N VAL A 441 -0.26 -35.54 -10.89
CA VAL A 441 0.74 -36.44 -10.34
C VAL A 441 0.01 -37.75 -10.06
N SER A 442 -1.24 -37.63 -9.63
CA SER A 442 -2.06 -38.80 -9.36
C SER A 442 -2.41 -39.47 -10.70
N GLU A 443 -2.67 -38.66 -11.72
CA GLU A 443 -3.04 -39.17 -13.04
C GLU A 443 -1.92 -39.89 -13.80
N LYS A 444 -0.68 -39.46 -13.62
CA LYS A 444 0.46 -40.05 -14.32
C LYS A 444 1.19 -41.16 -13.55
N TYR A 445 1.24 -41.01 -12.23
CA TYR A 445 1.91 -41.95 -11.32
C TYR A 445 1.00 -42.66 -10.31
N GLY A 446 -0.29 -42.28 -10.28
CA GLY A 446 -1.27 -42.91 -9.40
C GLY A 446 -1.09 -42.81 -7.90
N ALA A 447 -2.22 -42.77 -7.19
CA ALA A 447 -2.31 -42.69 -5.73
C ALA A 447 -1.03 -42.44 -4.91
N LYS A 448 -0.32 -43.53 -4.55
CA LYS A 448 0.91 -43.45 -3.77
C LYS A 448 1.72 -42.20 -4.06
N ALA A 449 1.87 -41.89 -5.33
CA ALA A 449 2.61 -40.72 -5.75
C ALA A 449 2.13 -39.41 -5.08
N GLU A 450 0.86 -39.06 -5.26
CA GLU A 450 0.38 -37.82 -4.67
C GLU A 450 0.59 -37.87 -3.18
N GLN A 451 0.04 -38.90 -2.53
CA GLN A 451 0.19 -39.02 -1.08
C GLN A 451 1.62 -38.72 -0.61
N LEU A 452 2.61 -39.15 -1.40
CA LEU A 452 4.00 -38.88 -1.04
C LEU A 452 4.25 -37.39 -1.17
N ALA A 453 4.01 -36.87 -2.37
CA ALA A 453 4.20 -35.46 -2.68
C ALA A 453 3.70 -34.62 -1.51
N ARG A 454 2.41 -34.75 -1.17
CA ARG A 454 1.84 -34.02 -0.06
C ARG A 454 2.59 -34.29 1.21
N GLU A 455 2.65 -35.55 1.62
CA GLU A 455 3.33 -35.89 2.84
C GLU A 455 4.71 -35.27 2.88
N MET A 456 5.31 -35.04 1.72
CA MET A 456 6.63 -34.41 1.74
C MET A 456 6.40 -32.96 2.17
N ALA A 457 5.47 -32.30 1.50
CA ALA A 457 5.13 -30.93 1.82
C ALA A 457 4.54 -30.93 3.22
N GLY A 458 4.14 -32.12 3.65
CA GLY A 458 3.54 -32.32 4.97
C GLY A 458 4.54 -31.95 6.04
N GLN A 459 5.72 -32.56 5.99
CA GLN A 459 6.76 -32.20 6.94
C GLN A 459 7.21 -30.94 6.24
N ALA A 460 8.49 -30.81 5.94
CA ALA A 460 8.93 -29.61 5.24
C ALA A 460 8.40 -28.32 5.92
N LYS A 461 7.16 -27.97 5.62
CA LYS A 461 6.49 -26.79 6.19
C LYS A 461 6.84 -26.57 7.67
N GLY A 462 7.75 -25.64 7.92
CA GLY A 462 8.15 -25.33 9.27
C GLY A 462 9.54 -25.79 9.62
N LYS A 463 9.96 -26.93 9.07
CA LYS A 463 11.28 -27.49 9.35
C LYS A 463 12.37 -27.07 8.37
N LYS A 464 13.59 -26.97 8.87
CA LYS A 464 14.75 -26.61 8.05
C LYS A 464 15.41 -27.85 7.48
N ILE A 465 16.07 -27.70 6.34
CA ILE A 465 16.74 -28.80 5.66
C ILE A 465 17.72 -29.50 6.62
N ARG A 466 17.78 -30.81 6.53
CA ARG A 466 18.64 -31.61 7.40
C ARG A 466 20.12 -31.50 7.11
N ASN A 467 20.90 -31.76 8.16
CA ASN A 467 22.34 -31.76 8.10
C ASN A 467 22.85 -32.71 7.01
N VAL A 468 23.81 -32.24 6.23
CA VAL A 468 24.38 -33.04 5.15
C VAL A 468 24.75 -34.46 5.52
N GLU A 469 25.77 -34.61 6.35
CA GLU A 469 26.23 -35.93 6.73
C GLU A 469 25.07 -36.73 7.28
N GLU A 470 24.23 -36.10 8.09
CA GLU A 470 23.09 -36.83 8.63
C GLU A 470 22.15 -37.21 7.48
N ALA A 471 22.22 -36.43 6.39
CA ALA A 471 21.40 -36.64 5.19
C ALA A 471 21.91 -37.83 4.40
N LEU A 472 23.21 -37.83 4.12
CA LEU A 472 23.82 -38.91 3.37
C LEU A 472 23.64 -40.24 4.09
N LYS A 473 23.76 -40.22 5.41
CA LYS A 473 23.60 -41.42 6.19
C LYS A 473 22.28 -42.11 5.86
N THR A 474 21.20 -41.33 5.74
CA THR A 474 19.88 -41.90 5.43
C THR A 474 19.88 -42.48 4.05
N TYR A 475 20.36 -41.70 3.07
CA TYR A 475 20.36 -42.19 1.71
C TYR A 475 21.20 -43.47 1.56
N GLU A 476 22.40 -43.49 2.12
CA GLU A 476 23.27 -44.66 2.02
C GLU A 476 22.60 -45.93 2.52
N LYS A 477 21.72 -45.80 3.50
CA LYS A 477 21.03 -46.97 4.02
C LYS A 477 20.05 -47.49 2.99
N TYR A 478 19.29 -46.57 2.41
CA TYR A 478 18.32 -46.92 1.39
C TYR A 478 18.99 -47.09 0.03
N ARG A 479 20.32 -47.12 0.05
CA ARG A 479 21.13 -47.27 -1.16
C ARG A 479 20.68 -48.45 -1.99
N ALA A 480 21.05 -49.65 -1.55
CA ALA A 480 20.72 -50.88 -2.27
C ALA A 480 19.25 -51.24 -2.16
N ASP A 481 18.41 -50.34 -2.63
CA ASP A 481 16.98 -50.48 -2.64
C ASP A 481 16.60 -49.44 -3.67
N ILE A 482 16.85 -48.19 -3.32
CA ILE A 482 16.58 -47.06 -4.20
C ILE A 482 17.38 -47.24 -5.51
N ASN A 483 18.36 -48.13 -5.51
CA ASN A 483 19.13 -48.36 -6.72
C ASN A 483 18.86 -49.78 -7.24
N LYS A 484 18.42 -50.65 -6.33
CA LYS A 484 18.12 -52.04 -6.65
C LYS A 484 16.96 -52.08 -7.64
N LYS A 485 15.78 -51.81 -7.09
CA LYS A 485 14.50 -51.82 -7.80
C LYS A 485 14.66 -51.90 -9.30
N ILE A 486 14.68 -50.74 -9.95
CA ILE A 486 14.85 -50.68 -11.39
C ILE A 486 15.74 -49.52 -11.71
N ASN A 487 16.99 -49.80 -12.03
CA ASN A 487 17.88 -48.72 -12.37
C ASN A 487 18.86 -49.25 -13.39
N ALA A 488 18.43 -49.32 -14.65
CA ALA A 488 19.31 -49.83 -15.70
C ALA A 488 19.71 -48.70 -16.66
N LYS A 489 18.90 -48.51 -17.69
CA LYS A 489 19.12 -47.47 -18.67
C LYS A 489 18.50 -46.26 -18.00
N ASP A 490 17.39 -46.54 -17.31
CA ASP A 490 16.61 -45.57 -16.56
C ASP A 490 17.50 -44.53 -15.91
N ARG A 491 18.57 -44.99 -15.27
CA ARG A 491 19.51 -44.10 -14.62
C ARG A 491 20.09 -43.10 -15.63
N ALA A 492 20.72 -43.61 -16.68
CA ALA A 492 21.31 -42.73 -17.70
C ALA A 492 20.27 -41.77 -18.29
N ALA A 493 19.01 -42.20 -18.30
CA ALA A 493 17.94 -41.36 -18.82
C ALA A 493 17.64 -40.26 -17.81
N ILE A 494 17.42 -40.66 -16.57
CA ILE A 494 17.14 -39.75 -15.47
C ILE A 494 18.20 -38.65 -15.44
N ALA A 495 19.45 -39.03 -15.61
CA ALA A 495 20.55 -38.07 -15.60
C ALA A 495 20.47 -37.11 -16.78
N ALA A 496 20.71 -37.63 -17.98
CA ALA A 496 20.70 -36.81 -19.19
C ALA A 496 19.49 -35.87 -19.15
N ALA A 497 18.33 -36.42 -18.76
CA ALA A 497 17.10 -35.63 -18.67
C ALA A 497 17.25 -34.47 -17.70
N LEU A 498 17.76 -34.76 -16.51
CA LEU A 498 17.96 -33.76 -15.48
C LEU A 498 18.83 -32.65 -16.04
N GLU A 499 19.95 -33.04 -16.65
CA GLU A 499 20.86 -32.06 -17.24
C GLU A 499 20.13 -31.09 -18.16
N SER A 500 19.42 -31.63 -19.14
CA SER A 500 18.68 -30.84 -20.14
C SER A 500 17.65 -29.81 -19.65
N VAL A 501 17.71 -29.43 -18.37
CA VAL A 501 16.75 -28.47 -17.88
C VAL A 501 17.15 -27.03 -18.15
N LYS A 502 16.15 -26.27 -18.57
CA LYS A 502 16.29 -24.87 -18.90
C LYS A 502 15.78 -24.10 -17.69
N LEU A 503 16.69 -23.75 -16.79
CA LEU A 503 16.32 -23.01 -15.58
C LEU A 503 15.37 -21.90 -15.97
N SER A 504 15.80 -21.15 -16.98
CA SER A 504 15.02 -20.06 -17.54
C SER A 504 13.54 -20.43 -17.68
N ASP A 505 13.29 -21.58 -18.29
CA ASP A 505 11.92 -22.03 -18.49
C ASP A 505 11.19 -22.44 -17.19
N ILE A 506 11.86 -23.20 -16.33
CA ILE A 506 11.23 -23.65 -15.08
C ILE A 506 11.20 -22.61 -13.96
N SER A 507 11.94 -21.52 -14.12
CA SER A 507 11.97 -20.48 -13.08
C SER A 507 10.57 -20.08 -12.59
N SER A 508 9.67 -19.73 -13.53
CA SER A 508 8.32 -19.31 -13.18
C SER A 508 7.55 -20.29 -12.28
N ASN A 509 7.63 -21.58 -12.61
CA ASN A 509 6.96 -22.61 -11.83
C ASN A 509 7.43 -22.56 -10.40
N LEU A 510 8.75 -22.42 -10.22
CA LEU A 510 9.36 -22.33 -8.89
C LEU A 510 8.72 -21.17 -8.14
N ASN A 511 8.55 -20.05 -8.82
CA ASN A 511 7.94 -18.89 -8.18
C ASN A 511 6.50 -19.16 -7.76
N ARG A 512 5.76 -19.87 -8.61
CA ARG A 512 4.37 -20.19 -8.28
C ARG A 512 4.30 -21.16 -7.10
N PHE A 513 5.08 -22.23 -7.18
CA PHE A 513 5.08 -23.22 -6.13
C PHE A 513 5.46 -22.63 -4.79
N SER A 514 6.63 -22.00 -4.71
CA SER A 514 7.10 -21.41 -3.47
C SER A 514 5.95 -20.75 -2.73
N ARG A 515 5.22 -19.92 -3.46
CA ARG A 515 4.07 -19.20 -2.90
C ARG A 515 3.04 -20.21 -2.43
N GLY A 516 2.61 -21.06 -3.35
CA GLY A 516 1.61 -22.05 -3.03
C GLY A 516 1.99 -22.92 -1.87
N LEU A 517 3.28 -23.07 -1.59
CA LEU A 517 3.72 -23.92 -0.48
C LEU A 517 4.21 -23.21 0.79
N GLY A 518 4.40 -21.90 0.72
CA GLY A 518 4.83 -21.20 1.91
C GLY A 518 6.23 -20.64 2.00
N TYR A 519 7.02 -20.74 0.94
CA TYR A 519 8.39 -20.20 0.97
C TYR A 519 8.53 -18.98 0.11
N ALA A 520 9.14 -17.94 0.68
CA ALA A 520 9.36 -16.73 -0.05
C ALA A 520 10.62 -16.12 0.51
N GLY A 521 11.72 -16.39 -0.19
CA GLY A 521 13.02 -15.89 0.21
C GLY A 521 13.83 -15.77 -1.05
N LYS A 522 14.90 -16.56 -1.18
CA LYS A 522 15.74 -16.48 -2.37
C LYS A 522 16.66 -17.66 -2.61
N PHE A 523 16.51 -18.27 -3.77
CA PHE A 523 17.34 -19.39 -4.16
C PHE A 523 18.66 -18.75 -4.64
N THR A 524 19.73 -19.52 -4.87
CA THR A 524 20.97 -18.91 -5.34
C THR A 524 21.84 -19.61 -6.39
N SER A 525 22.04 -20.92 -6.31
CA SER A 525 22.87 -21.58 -7.32
C SER A 525 22.12 -22.69 -8.03
N LEU A 526 20.85 -22.44 -8.33
CA LEU A 526 20.02 -23.44 -9.01
C LEU A 526 20.55 -24.01 -10.32
N ALA A 527 21.18 -23.18 -11.13
CA ALA A 527 21.69 -23.69 -12.39
C ALA A 527 22.66 -24.83 -12.11
N ASP A 528 23.54 -24.59 -11.15
CA ASP A 528 24.55 -25.54 -10.72
C ASP A 528 23.91 -26.76 -10.10
N TRP A 529 23.18 -26.55 -9.01
CA TRP A 529 22.50 -27.59 -8.25
C TRP A 529 22.05 -28.67 -9.20
N ILE A 530 21.14 -28.29 -10.08
CA ILE A 530 20.60 -29.19 -11.07
C ILE A 530 21.74 -29.94 -11.75
N THR A 531 22.70 -29.19 -12.26
CA THR A 531 23.85 -29.78 -12.92
C THR A 531 24.46 -30.85 -12.00
N GLU A 532 24.81 -30.48 -10.77
CA GLU A 532 25.40 -31.44 -9.84
C GLU A 532 24.49 -32.65 -9.71
N PHE A 533 23.20 -32.38 -9.57
CA PHE A 533 22.17 -33.42 -9.43
C PHE A 533 22.35 -34.43 -10.57
N GLY A 534 22.63 -33.93 -11.75
CA GLY A 534 22.82 -34.79 -12.91
C GLY A 534 24.02 -35.69 -12.70
N LYS A 535 25.22 -35.08 -12.68
CA LYS A 535 26.47 -35.82 -12.49
C LYS A 535 26.23 -36.81 -11.36
N ALA A 536 25.47 -36.35 -10.38
CA ALA A 536 25.14 -37.16 -9.22
C ALA A 536 24.45 -38.46 -9.60
N VAL A 537 23.50 -38.40 -10.53
CA VAL A 537 22.84 -39.64 -10.89
C VAL A 537 23.75 -40.56 -11.71
N ARG A 538 24.78 -39.99 -12.34
CA ARG A 538 25.69 -40.81 -13.11
C ARG A 538 26.69 -41.33 -12.12
N THR A 539 27.58 -40.48 -11.64
CA THR A 539 28.53 -40.92 -10.64
C THR A 539 27.67 -40.91 -9.42
N GLU A 540 27.57 -42.02 -8.71
CA GLU A 540 26.71 -42.08 -7.52
C GLU A 540 27.33 -41.41 -6.28
N ASN A 541 27.98 -40.27 -6.49
CA ASN A 541 28.65 -39.55 -5.42
C ASN A 541 27.72 -39.01 -4.36
N TRP A 542 26.73 -38.23 -4.77
CA TRP A 542 25.78 -37.66 -3.84
C TRP A 542 26.29 -36.59 -2.88
N ARG A 543 27.52 -36.67 -2.40
CA ARG A 543 27.96 -35.65 -1.46
C ARG A 543 27.84 -34.20 -1.93
N PRO A 544 28.61 -33.80 -2.93
CA PRO A 544 28.51 -32.42 -3.39
C PRO A 544 27.08 -31.96 -3.66
N LEU A 545 26.25 -32.81 -4.26
CA LEU A 545 24.87 -32.37 -4.50
C LEU A 545 24.28 -32.09 -3.14
N PHE A 546 24.45 -33.01 -2.20
CA PHE A 546 23.91 -32.79 -0.88
C PHE A 546 24.50 -31.59 -0.22
N VAL A 547 25.80 -31.39 -0.37
CA VAL A 547 26.44 -30.24 0.26
C VAL A 547 25.88 -28.96 -0.35
N LYS A 548 25.75 -28.97 -1.67
CA LYS A 548 25.26 -27.82 -2.42
C LYS A 548 23.89 -27.34 -1.92
N THR A 549 22.99 -28.27 -1.63
CA THR A 549 21.65 -27.91 -1.19
C THR A 549 21.62 -27.07 0.06
N GLU A 550 22.55 -27.31 0.96
CA GLU A 550 22.63 -26.53 2.19
C GLU A 550 22.87 -25.10 1.77
N THR A 551 23.37 -24.94 0.55
CA THR A 551 23.69 -23.62 0.03
C THR A 551 23.02 -23.21 -1.28
N ILE A 552 21.70 -23.05 -1.25
CA ILE A 552 20.96 -22.57 -2.42
C ILE A 552 19.73 -21.79 -1.99
N ILE A 553 19.14 -22.18 -0.87
CA ILE A 553 17.94 -21.53 -0.36
C ILE A 553 18.11 -20.63 0.87
N ALA A 554 17.64 -19.40 0.77
CA ALA A 554 17.74 -18.42 1.83
C ALA A 554 17.59 -18.94 3.25
N GLY A 555 16.37 -19.13 3.71
CA GLY A 555 16.18 -19.60 5.07
C GLY A 555 16.55 -21.06 5.32
N ASN A 556 17.08 -21.70 4.29
CA ASN A 556 17.46 -23.11 4.33
C ASN A 556 16.28 -24.00 4.68
N ALA A 557 15.10 -23.52 4.31
CA ALA A 557 13.87 -24.23 4.58
C ALA A 557 13.60 -25.33 3.60
N ALA A 558 13.13 -26.46 4.13
CA ALA A 558 12.83 -27.59 3.29
C ALA A 558 11.72 -27.16 2.34
N THR A 559 10.75 -26.42 2.87
CA THR A 559 9.63 -26.00 2.05
C THR A 559 10.03 -25.47 0.68
N ALA A 560 11.14 -24.74 0.61
CA ALA A 560 11.59 -24.21 -0.67
C ALA A 560 12.08 -25.34 -1.54
N LEU A 561 12.82 -26.26 -0.95
CA LEU A 561 13.37 -27.39 -1.68
C LEU A 561 12.23 -28.10 -2.37
N VAL A 562 11.26 -28.54 -1.60
CA VAL A 562 10.12 -29.22 -2.18
C VAL A 562 9.57 -28.43 -3.33
N ALA A 563 9.44 -27.13 -3.14
CA ALA A 563 8.95 -26.26 -4.20
C ALA A 563 9.87 -26.41 -5.42
N LEU A 564 11.18 -26.48 -5.17
CA LEU A 564 12.17 -26.63 -6.23
C LEU A 564 11.95 -27.92 -7.00
N VAL A 565 12.00 -29.06 -6.28
CA VAL A 565 11.80 -30.38 -6.90
C VAL A 565 10.49 -30.42 -7.68
N PHE A 566 9.46 -29.78 -7.15
CA PHE A 566 8.17 -29.74 -7.82
C PHE A 566 8.37 -29.09 -9.19
N SER A 567 9.25 -28.10 -9.25
CA SER A 567 9.52 -27.40 -10.50
C SER A 567 10.25 -28.28 -11.52
N ILE A 568 11.33 -28.94 -11.08
CA ILE A 568 12.12 -29.82 -11.93
C ILE A 568 11.26 -30.94 -12.51
N LEU A 569 10.36 -31.49 -11.68
CA LEU A 569 9.46 -32.55 -12.14
C LEU A 569 8.52 -31.97 -13.20
N THR A 570 8.32 -30.66 -13.17
CA THR A 570 7.44 -29.97 -14.12
C THR A 570 8.14 -29.54 -15.42
N GLY A 571 9.45 -29.75 -15.51
CA GLY A 571 10.16 -29.38 -16.71
C GLY A 571 10.95 -30.53 -17.28
N SER A 572 10.40 -31.74 -17.16
CA SER A 572 11.07 -32.94 -17.65
C SER A 572 10.05 -34.06 -17.93
N ALA A 573 10.50 -35.31 -17.91
CA ALA A 573 9.63 -36.46 -18.14
C ALA A 573 9.87 -37.46 -17.00
N LEU A 574 11.10 -37.97 -16.96
CA LEU A 574 11.55 -38.92 -15.92
C LEU A 574 10.74 -40.21 -15.72
N GLY A 575 9.47 -40.10 -15.33
CA GLY A 575 8.65 -41.30 -15.15
C GLY A 575 8.65 -41.86 -13.75
N ILE A 576 7.75 -42.80 -13.47
CA ILE A 576 7.61 -43.41 -12.14
C ILE A 576 8.92 -43.79 -11.45
N ILE A 577 9.92 -44.21 -12.23
CA ILE A 577 11.19 -44.56 -11.62
C ILE A 577 11.82 -43.22 -11.22
N GLY A 578 11.78 -42.26 -12.14
CA GLY A 578 12.32 -40.94 -11.88
C GLY A 578 11.69 -40.22 -10.70
N TYR A 579 10.36 -40.06 -10.75
CA TYR A 579 9.66 -39.41 -9.66
C TYR A 579 10.19 -39.97 -8.35
N GLY A 580 10.25 -41.30 -8.30
CA GLY A 580 10.76 -41.98 -7.13
C GLY A 580 12.11 -41.44 -6.70
N LEU A 581 13.15 -41.81 -7.45
CA LEU A 581 14.52 -41.40 -7.16
C LEU A 581 14.66 -39.97 -6.66
N LEU A 582 13.93 -39.03 -7.27
CA LEU A 582 13.99 -37.64 -6.83
C LEU A 582 13.37 -37.51 -5.45
N MET A 583 12.06 -37.76 -5.35
CA MET A 583 11.37 -37.64 -4.07
C MET A 583 12.21 -38.29 -2.99
N ALA A 584 12.84 -39.41 -3.34
CA ALA A 584 13.67 -40.17 -2.44
C ALA A 584 14.89 -39.37 -2.02
N VAL A 585 15.64 -38.89 -2.98
CA VAL A 585 16.83 -38.12 -2.65
C VAL A 585 16.43 -36.88 -1.84
N THR A 586 15.49 -36.09 -2.37
CA THR A 586 15.03 -34.88 -1.70
C THR A 586 14.61 -35.19 -0.28
N GLY A 587 13.81 -36.24 -0.14
CA GLY A 587 13.34 -36.63 1.15
C GLY A 587 14.47 -36.76 2.15
N ALA A 588 15.56 -37.42 1.74
CA ALA A 588 16.71 -37.65 2.62
C ALA A 588 17.37 -36.36 3.11
N LEU A 589 16.76 -35.23 2.83
CA LEU A 589 17.27 -33.96 3.28
C LEU A 589 16.18 -33.33 4.14
N ILE A 590 14.93 -33.73 3.92
CA ILE A 590 13.83 -33.22 4.73
C ILE A 590 13.65 -34.18 5.90
N ASP A 591 13.17 -35.39 5.65
CA ASP A 591 13.05 -36.37 6.73
C ASP A 591 13.01 -37.82 6.29
N GLU A 592 13.88 -38.61 6.93
CA GLU A 592 14.02 -40.03 6.60
C GLU A 592 12.72 -40.77 6.32
N SER A 593 11.66 -40.43 7.04
CA SER A 593 10.37 -41.09 6.83
C SER A 593 9.97 -41.09 5.35
N LEU A 594 10.04 -39.90 4.73
CA LEU A 594 9.69 -39.71 3.33
C LEU A 594 10.40 -40.73 2.45
N VAL A 595 11.63 -41.06 2.81
CA VAL A 595 12.38 -42.03 2.03
C VAL A 595 11.71 -43.38 2.05
N GLU A 596 11.36 -43.88 3.24
CA GLU A 596 10.72 -45.18 3.36
C GLU A 596 9.55 -45.23 2.38
N LYS A 597 8.61 -44.31 2.53
CA LYS A 597 7.46 -44.25 1.66
C LYS A 597 7.89 -44.15 0.21
N ALA A 598 9.01 -43.48 -0.04
CA ALA A 598 9.49 -43.37 -1.40
C ALA A 598 9.85 -44.73 -1.94
N ASN A 599 10.85 -45.35 -1.33
CA ASN A 599 11.33 -46.66 -1.76
C ASN A 599 10.28 -47.76 -1.74
N LYS A 600 9.13 -47.47 -1.12
CA LYS A 600 8.06 -48.45 -0.98
C LYS A 600 6.92 -48.42 -2.04
N PHE A 601 7.04 -47.60 -3.07
CA PHE A 601 5.95 -47.58 -4.06
C PHE A 601 6.33 -47.83 -5.52
N TRP A 602 7.47 -48.46 -5.79
CA TRP A 602 7.87 -48.69 -7.18
C TRP A 602 9.00 -49.72 -7.31
#